data_6KKF
#
_entry.id   6KKF
#
_cell.length_a   38.512
_cell.length_b   67.685
_cell.length_c   43.592
_cell.angle_alpha   90.000
_cell.angle_beta   111.393
_cell.angle_gamma   90.000
#
_symmetry.space_group_name_H-M   'P 1 21 1'
#
loop_
_entity.id
_entity.type
_entity.pdbx_description
1 polymer 'Proteinase K'
2 non-polymer 'CALCIUM ION'
3 non-polymer glycylglycylglycine
4 water water
#
_entity_poly.entity_id   1
_entity_poly.type   'polypeptide(L)'
_entity_poly.pdbx_seq_one_letter_code
;AAQTNAPWGLARISSTSPGTSTYYYDESAGQGSCVYVIDTGIEASHPEFEGRAQMVKTYYYSSRDGNGHGTHCAGTVGSR
TYGVAKKTQLFGVKVLDDNGSGQYSTIIAGMDFVASDKNNRNCPKGVVASLSLGGGYSSSVNSAAARLQSSGVMVAVAAG
NNNADARNYSPASEPSVCTVGASDRYDRRSSFSNYGSVLDIFGPGTSILSTWIGGSTRSISGTSMATPHVAGLAAYLMTL
GKTTAASACRYIADTANKGDLSNIPFGTVNLLAYNNYQA
;
_entity_poly.pdbx_strand_id   A
#
# COMPACT_ATOMS: atom_id res chain seq x y z
N ALA A 1 -2.32 19.92 -9.16
CA ALA A 1 -2.21 19.19 -10.41
C ALA A 1 -3.45 18.34 -10.63
N ALA A 2 -3.70 17.94 -11.88
CA ALA A 2 -4.92 17.22 -12.22
C ALA A 2 -4.58 16.21 -13.30
N GLN A 3 -4.95 14.96 -13.06
CA GLN A 3 -4.79 13.88 -14.02
C GLN A 3 -6.19 13.49 -14.48
N THR A 4 -6.53 13.83 -15.73
CA THR A 4 -7.84 13.49 -16.25
C THR A 4 -7.86 12.05 -16.69
N ASN A 5 -9.07 11.47 -16.68
CA ASN A 5 -9.27 10.08 -17.05
C ASN A 5 -8.29 9.16 -16.31
N ALA A 6 -8.11 9.44 -15.02
CA ALA A 6 -7.27 8.62 -14.17
C ALA A 6 -8.00 7.32 -13.81
N PRO A 7 -7.27 6.29 -13.36
CA PRO A 7 -7.93 5.09 -12.83
C PRO A 7 -8.89 5.48 -11.70
N TRP A 8 -10.00 4.76 -11.61
CA TRP A 8 -11.08 5.20 -10.75
C TRP A 8 -10.64 5.37 -9.30
N GLY A 9 -9.76 4.50 -8.81
CA GLY A 9 -9.31 4.60 -7.43
C GLY A 9 -8.50 5.85 -7.13
N LEU A 10 -7.71 6.33 -8.09
CA LEU A 10 -7.01 7.59 -7.89
C LEU A 10 -7.99 8.76 -7.82
N ALA A 11 -8.94 8.80 -8.75
CA ALA A 11 -9.99 9.80 -8.65
C ALA A 11 -10.72 9.71 -7.32
N ARG A 12 -10.98 8.50 -6.85
CA ARG A 12 -11.74 8.35 -5.61
C ARG A 12 -10.99 8.90 -4.41
N ILE A 13 -9.66 8.72 -4.33
CA ILE A 13 -8.91 9.24 -3.17
C ILE A 13 -8.79 10.76 -3.17
N SER A 14 -9.16 11.45 -4.26
CA SER A 14 -9.17 12.92 -4.28
C SER A 14 -10.59 13.51 -4.40
N SER A 15 -11.62 12.70 -4.18
CA SER A 15 -13.00 13.16 -4.28
C SER A 15 -13.77 12.83 -3.02
N THR A 16 -14.78 13.63 -2.72
CA THR A 16 -15.70 13.30 -1.64
C THR A 16 -16.85 12.41 -2.10
N SER A 17 -16.97 12.15 -3.40
CA SER A 17 -18.05 11.33 -3.93
C SER A 17 -17.50 10.33 -4.93
N PRO A 18 -18.18 9.21 -5.13
CA PRO A 18 -17.74 8.24 -6.14
C PRO A 18 -18.12 8.72 -7.53
N GLY A 19 -17.61 8.02 -8.54
CA GLY A 19 -18.03 8.26 -9.91
C GLY A 19 -17.32 9.37 -10.65
N THR A 20 -16.26 9.95 -10.09
CA THR A 20 -15.47 10.96 -10.80
C THR A 20 -14.26 10.29 -11.44
N SER A 21 -13.60 11.02 -12.33
CA SER A 21 -12.50 10.45 -13.08
C SER A 21 -11.24 11.31 -13.16
N THR A 22 -11.18 12.45 -12.50
CA THR A 22 -9.95 13.24 -12.45
C THR A 22 -9.33 13.05 -11.06
N TYR A 23 -8.03 12.74 -11.05
CA TYR A 23 -7.25 12.67 -9.81
C TYR A 23 -6.56 14.01 -9.62
N TYR A 24 -6.91 14.69 -8.53
CA TYR A 24 -6.37 15.99 -8.17
C TYR A 24 -5.39 15.81 -7.02
N TYR A 25 -4.22 16.42 -7.13
CA TYR A 25 -3.17 16.23 -6.13
C TYR A 25 -2.17 17.37 -6.19
N ASP A 26 -1.50 17.61 -5.07
CA ASP A 26 -0.43 18.59 -5.03
C ASP A 26 0.77 18.09 -5.83
N GLU A 27 1.35 18.97 -6.65
CA GLU A 27 2.44 18.63 -7.58
C GLU A 27 3.69 18.08 -6.90
N SER A 28 3.89 18.36 -5.62
CA SER A 28 5.03 17.75 -4.90
C SER A 28 5.07 16.24 -5.07
N ALA A 29 3.91 15.59 -5.06
CA ALA A 29 3.74 14.20 -5.52
C ALA A 29 4.61 13.18 -4.79
N GLY A 30 4.87 13.40 -3.50
CA GLY A 30 5.68 12.46 -2.75
C GLY A 30 7.17 12.52 -3.01
N GLN A 31 7.66 13.53 -3.73
CA GLN A 31 9.11 13.63 -3.90
C GLN A 31 9.80 13.68 -2.54
N GLY A 32 10.93 13.00 -2.44
CA GLY A 32 11.73 12.96 -1.24
C GLY A 32 11.31 11.93 -0.21
N SER A 33 10.19 11.24 -0.43
CA SER A 33 9.79 10.10 0.39
C SER A 33 10.20 8.82 -0.32
N CYS A 34 10.06 7.71 0.39
CA CYS A 34 10.42 6.41 -0.16
C CYS A 34 9.43 5.37 0.29
N VAL A 35 9.09 4.45 -0.59
CA VAL A 35 8.15 3.39 -0.28
C VAL A 35 8.79 2.07 -0.66
N TYR A 36 8.92 1.19 0.32
CA TYR A 36 9.38 -0.17 0.12
C TYR A 36 8.18 -1.06 -0.19
N VAL A 37 8.22 -1.73 -1.31
CA VAL A 37 7.16 -2.64 -1.75
C VAL A 37 7.71 -4.03 -1.49
N ILE A 38 7.16 -4.68 -0.46
CA ILE A 38 7.61 -5.98 0.00
C ILE A 38 6.67 -7.02 -0.60
N ASP A 39 7.14 -7.76 -1.62
CA ASP A 39 6.23 -8.49 -2.49
C ASP A 39 7.04 -9.41 -3.41
N THR A 40 6.61 -9.58 -4.67
CA THR A 40 7.32 -10.45 -5.62
C THR A 40 8.46 -9.75 -6.35
N GLY A 41 8.73 -8.49 -6.06
CA GLY A 41 9.73 -7.70 -6.77
C GLY A 41 9.06 -6.56 -7.53
N ILE A 42 9.87 -5.81 -8.24
CA ILE A 42 9.40 -4.68 -9.04
C ILE A 42 10.22 -4.69 -10.31
N GLU A 43 9.56 -4.54 -11.46
CA GLU A 43 10.25 -4.38 -12.75
C GLU A 43 10.69 -2.93 -12.88
N ALA A 44 11.93 -2.68 -12.45
CA ALA A 44 12.43 -1.32 -12.32
C ALA A 44 12.55 -0.64 -13.67
N SER A 45 12.78 -1.40 -14.75
CA SER A 45 12.92 -0.83 -16.09
C SER A 45 11.61 -0.37 -16.69
N HIS A 46 10.48 -0.62 -16.03
CA HIS A 46 9.21 -0.25 -16.60
C HIS A 46 9.18 1.26 -16.84
N PRO A 47 8.90 1.74 -18.05
CA PRO A 47 8.91 3.19 -18.27
C PRO A 47 8.02 3.98 -17.33
N GLU A 48 6.93 3.38 -16.85
CA GLU A 48 6.04 4.08 -15.95
C GLU A 48 6.67 4.44 -14.60
N PHE A 49 7.79 3.83 -14.22
CA PHE A 49 8.45 4.19 -12.97
C PHE A 49 9.46 5.31 -13.15
N GLU A 50 9.80 5.67 -14.40
CA GLU A 50 10.64 6.82 -14.71
C GLU A 50 11.99 6.79 -13.99
N GLY A 51 12.56 5.60 -13.82
CA GLY A 51 13.84 5.46 -13.14
C GLY A 51 13.78 5.59 -11.63
N ARG A 52 12.59 5.76 -11.04
CA ARG A 52 12.43 5.95 -9.60
C ARG A 52 12.26 4.63 -8.84
N ALA A 53 12.41 3.50 -9.48
CA ALA A 53 12.26 2.20 -8.84
C ALA A 53 13.59 1.46 -8.83
N GLN A 54 13.89 0.80 -7.72
CA GLN A 54 15.11 0.04 -7.56
C GLN A 54 14.83 -1.17 -6.68
N MET A 55 15.28 -2.35 -7.12
CA MET A 55 15.36 -3.52 -6.24
C MET A 55 16.51 -3.36 -5.27
N VAL A 56 16.24 -3.61 -3.99
CA VAL A 56 17.25 -3.51 -2.95
C VAL A 56 17.51 -4.82 -2.20
N LYS A 57 16.67 -5.84 -2.34
CA LYS A 57 16.90 -7.08 -1.61
C LYS A 57 16.08 -8.17 -2.24
N THR A 58 16.67 -9.36 -2.34
CA THR A 58 15.88 -10.54 -2.70
C THR A 58 16.26 -11.72 -1.81
N TYR A 59 15.28 -12.60 -1.57
CA TYR A 59 15.52 -13.84 -0.84
C TYR A 59 15.51 -15.06 -1.74
N TYR A 60 15.57 -14.85 -3.05
CA TYR A 60 15.53 -15.90 -4.05
C TYR A 60 16.70 -15.72 -5.00
N TYR A 61 16.83 -16.60 -5.97
CA TYR A 61 18.00 -16.58 -6.84
C TYR A 61 18.00 -15.43 -7.85
N SER A 62 16.90 -14.70 -8.00
CA SER A 62 16.84 -13.50 -8.81
C SER A 62 16.04 -12.45 -8.05
N SER A 63 16.26 -11.18 -8.40
CA SER A 63 15.43 -10.08 -7.89
C SER A 63 14.31 -9.70 -8.85
N ARG A 64 14.25 -10.34 -10.01
CA ARG A 64 13.25 -10.02 -11.01
C ARG A 64 11.86 -10.38 -10.49
N ASP A 65 10.90 -9.51 -10.78
CA ASP A 65 9.49 -9.82 -10.59
C ASP A 65 9.09 -10.74 -11.73
N GLY A 66 9.04 -12.04 -11.46
CA GLY A 66 8.59 -12.98 -12.45
C GLY A 66 7.12 -13.26 -12.42
N ASN A 67 6.38 -12.58 -11.54
CA ASN A 67 4.95 -12.78 -11.38
C ASN A 67 4.13 -11.63 -11.94
N GLY A 68 4.43 -10.39 -11.52
CA GLY A 68 3.66 -9.20 -11.89
C GLY A 68 3.03 -8.50 -10.71
N HIS A 69 2.71 -9.24 -9.66
CA HIS A 69 1.96 -8.70 -8.54
C HIS A 69 2.69 -7.52 -7.91
N GLY A 70 3.97 -7.70 -7.58
CA GLY A 70 4.72 -6.63 -6.96
C GLY A 70 4.83 -5.40 -7.82
N THR A 71 4.99 -5.59 -9.14
CA THR A 71 5.05 -4.46 -10.07
C THR A 71 3.73 -3.71 -10.11
N HIS A 72 2.61 -4.44 -10.07
CA HIS A 72 1.29 -3.83 -9.99
C HIS A 72 1.15 -2.97 -8.74
N CYS A 73 1.48 -3.54 -7.58
CA CYS A 73 1.38 -2.76 -6.34
C CYS A 73 2.28 -1.53 -6.40
N ALA A 74 3.52 -1.70 -6.84
CA ALA A 74 4.42 -0.56 -6.93
C ALA A 74 3.85 0.53 -7.82
N GLY A 75 3.19 0.12 -8.92
CA GLY A 75 2.61 1.10 -9.83
C GLY A 75 1.50 1.92 -9.19
N THR A 76 0.70 1.30 -8.32
CA THR A 76 -0.35 2.02 -7.61
C THR A 76 0.24 2.99 -6.58
N VAL A 77 1.40 2.64 -6.00
CA VAL A 77 2.09 3.57 -5.13
C VAL A 77 2.58 4.79 -5.92
N GLY A 78 3.29 4.55 -7.02
CA GLY A 78 4.12 5.61 -7.56
C GLY A 78 4.39 5.66 -9.05
N SER A 79 3.68 4.91 -9.87
CA SER A 79 3.89 5.07 -11.29
C SER A 79 3.26 6.38 -11.77
N ARG A 80 3.71 6.83 -12.94
CA ARG A 80 3.25 8.09 -13.51
C ARG A 80 1.74 8.10 -13.72
N THR A 81 1.19 7.09 -14.39
CA THR A 81 -0.22 7.04 -14.76
C THR A 81 -1.11 6.38 -13.72
N TYR A 82 -0.59 5.44 -12.94
CA TYR A 82 -1.43 4.63 -12.07
C TYR A 82 -1.18 4.91 -10.59
N GLY A 83 -0.24 5.80 -10.27
CA GLY A 83 0.22 5.97 -8.92
C GLY A 83 -0.36 7.15 -8.15
N VAL A 84 -0.43 6.95 -6.82
CA VAL A 84 -0.90 7.99 -5.92
C VAL A 84 0.16 9.05 -5.74
N ALA A 85 1.41 8.60 -5.56
CA ALA A 85 2.53 9.48 -5.21
C ALA A 85 3.50 9.39 -6.37
N LYS A 86 3.26 10.22 -7.41
CA LYS A 86 3.88 10.03 -8.72
C LYS A 86 5.36 10.38 -8.78
N LYS A 87 5.96 10.88 -7.70
CA LYS A 87 7.39 11.21 -7.69
C LYS A 87 8.13 10.58 -6.52
N THR A 88 7.52 9.64 -5.81
CA THR A 88 8.22 8.98 -4.73
C THR A 88 9.28 8.04 -5.26
N GLN A 89 10.19 7.65 -4.38
CA GLN A 89 11.17 6.61 -4.67
C GLN A 89 10.59 5.27 -4.26
N LEU A 90 10.72 4.27 -5.12
CA LEU A 90 10.22 2.92 -4.86
C LEU A 90 11.39 1.96 -4.67
N PHE A 91 11.36 1.18 -3.61
CA PHE A 91 12.36 0.17 -3.34
C PHE A 91 11.70 -1.20 -3.26
N GLY A 92 12.24 -2.17 -3.99
CA GLY A 92 11.65 -3.50 -4.02
C GLY A 92 12.38 -4.46 -3.11
N VAL A 93 11.60 -5.21 -2.35
CA VAL A 93 12.11 -6.28 -1.49
C VAL A 93 11.33 -7.53 -1.88
N LYS A 94 12.01 -8.50 -2.50
CA LYS A 94 11.36 -9.71 -3.02
C LYS A 94 11.35 -10.78 -1.94
N VAL A 95 10.20 -10.89 -1.25
CA VAL A 95 9.97 -11.92 -0.24
C VAL A 95 9.06 -13.02 -0.74
N LEU A 96 8.37 -12.82 -1.85
CA LEU A 96 7.50 -13.81 -2.45
C LEU A 96 8.16 -14.33 -3.72
N ASP A 97 8.06 -15.65 -3.94
CA ASP A 97 8.53 -16.24 -5.19
C ASP A 97 7.60 -15.86 -6.36
N ASP A 98 7.92 -16.37 -7.55
CA ASP A 98 7.20 -15.95 -8.73
C ASP A 98 5.82 -16.60 -8.85
N ASN A 99 5.45 -17.50 -7.94
CA ASN A 99 4.08 -17.96 -7.79
C ASN A 99 3.30 -17.13 -6.79
N GLY A 100 3.94 -16.15 -6.16
CA GLY A 100 3.28 -15.32 -5.19
C GLY A 100 3.31 -15.86 -3.77
N SER A 101 4.18 -16.81 -3.48
CA SER A 101 4.22 -17.50 -2.20
C SER A 101 5.53 -17.25 -1.47
N GLY A 102 5.45 -17.27 -0.14
CA GLY A 102 6.64 -17.06 0.66
C GLY A 102 6.48 -17.63 2.05
N GLN A 103 7.58 -18.13 2.60
CA GLN A 103 7.60 -18.58 3.98
C GLN A 103 7.56 -17.40 4.95
N TYR A 104 6.98 -17.62 6.13
CA TYR A 104 6.92 -16.54 7.10
C TYR A 104 8.31 -16.08 7.52
N SER A 105 9.28 -17.00 7.58
CA SER A 105 10.64 -16.61 7.89
C SER A 105 11.14 -15.57 6.89
N THR A 106 10.78 -15.74 5.61
CA THR A 106 11.26 -14.83 4.59
C THR A 106 10.58 -13.47 4.71
N ILE A 107 9.28 -13.47 5.02
CA ILE A 107 8.54 -12.22 5.16
C ILE A 107 9.08 -11.43 6.34
N ILE A 108 9.34 -12.12 7.45
CA ILE A 108 9.97 -11.49 8.61
C ILE A 108 11.34 -10.92 8.26
N ALA A 109 12.16 -11.70 7.54
CA ALA A 109 13.50 -11.23 7.15
C ALA A 109 13.38 -9.95 6.33
N GLY A 110 12.45 -9.92 5.38
CA GLY A 110 12.27 -8.74 4.56
C GLY A 110 11.90 -7.52 5.36
N MET A 111 11.02 -7.68 6.34
CA MET A 111 10.65 -6.54 7.17
C MET A 111 11.85 -6.07 7.99
N ASP A 112 12.59 -7.01 8.60
CA ASP A 112 13.81 -6.67 9.31
C ASP A 112 14.80 -5.96 8.41
N PHE A 113 14.89 -6.38 7.14
CA PHE A 113 15.82 -5.70 6.24
C PHE A 113 15.42 -4.24 6.08
N VAL A 114 14.13 -3.97 5.91
CA VAL A 114 13.71 -2.59 5.69
C VAL A 114 13.98 -1.75 6.93
N ALA A 115 13.77 -2.34 8.11
CA ALA A 115 13.99 -1.64 9.37
C ALA A 115 15.41 -1.14 9.49
N SER A 116 16.38 -1.95 9.04
N SER A 116 16.38 -1.95 9.03
CA SER A 116 17.78 -1.55 9.13
CA SER A 116 17.79 -1.60 9.13
C SER A 116 18.25 -0.76 7.92
C SER A 116 18.34 -0.91 7.88
N ASP A 117 17.63 -0.93 6.76
CA ASP A 117 18.13 -0.35 5.53
C ASP A 117 17.72 1.11 5.31
N LYS A 118 16.55 1.52 5.79
N LYS A 118 16.56 1.52 5.81
CA LYS A 118 15.94 2.73 5.27
CA LYS A 118 15.93 2.72 5.28
C LYS A 118 16.69 4.00 5.65
C LYS A 118 16.65 4.00 5.68
N ASN A 119 17.41 3.99 6.76
CA ASN A 119 18.17 5.18 7.13
C ASN A 119 19.43 5.34 6.28
N ASN A 120 19.77 4.35 5.47
CA ASN A 120 20.89 4.42 4.53
C ASN A 120 20.48 4.89 3.15
N ARG A 121 19.23 5.30 2.99
CA ARG A 121 18.70 5.73 1.71
C ARG A 121 18.32 7.20 1.79
N ASN A 122 18.21 7.81 0.63
CA ASN A 122 17.91 9.24 0.55
C ASN A 122 16.39 9.42 0.64
N CYS A 123 15.88 9.57 1.87
CA CYS A 123 14.44 9.66 2.10
C CYS A 123 14.14 10.75 3.12
N PRO A 124 14.51 12.01 2.81
CA PRO A 124 14.33 13.07 3.81
C PRO A 124 12.90 13.28 4.27
N LYS A 125 11.90 13.01 3.44
CA LYS A 125 10.52 13.25 3.84
C LYS A 125 9.89 12.08 4.58
N GLY A 126 10.54 10.94 4.66
CA GLY A 126 10.00 9.80 5.38
C GLY A 126 9.90 8.55 4.53
N VAL A 127 9.56 7.46 5.22
CA VAL A 127 9.64 6.12 4.66
C VAL A 127 8.34 5.38 4.97
N VAL A 128 7.82 4.72 3.95
CA VAL A 128 6.66 3.85 4.02
C VAL A 128 7.06 2.46 3.57
N ALA A 129 6.34 1.47 4.06
CA ALA A 129 6.45 0.09 3.58
C ALA A 129 5.07 -0.46 3.30
N SER A 130 4.89 -1.05 2.11
CA SER A 130 3.62 -1.59 1.65
C SER A 130 3.73 -3.10 1.59
N LEU A 131 2.92 -3.79 2.40
CA LEU A 131 2.93 -5.26 2.53
C LEU A 131 1.59 -5.79 2.00
N SER A 132 1.56 -6.08 0.71
CA SER A 132 0.36 -6.55 0.02
C SER A 132 0.35 -8.08 0.03
N LEU A 133 0.41 -8.62 1.26
CA LEU A 133 0.60 -10.05 1.47
C LEU A 133 0.11 -10.40 2.88
N GLY A 134 -0.07 -11.69 3.12
CA GLY A 134 -0.42 -12.12 4.44
C GLY A 134 -0.67 -13.61 4.49
N GLY A 135 -0.84 -14.10 5.71
CA GLY A 135 -1.23 -15.48 5.94
C GLY A 135 -1.96 -15.63 7.26
N GLY A 136 -1.99 -16.84 7.78
CA GLY A 136 -2.63 -17.08 9.06
C GLY A 136 -1.90 -16.41 10.20
N TYR A 137 -2.61 -16.28 11.33
CA TYR A 137 -2.10 -15.53 12.47
C TYR A 137 -0.73 -16.03 12.89
N SER A 138 0.17 -15.10 13.17
CA SER A 138 1.50 -15.42 13.67
C SER A 138 1.97 -14.29 14.56
N SER A 139 2.29 -14.61 15.83
CA SER A 139 2.77 -13.58 16.73
C SER A 139 4.11 -13.03 16.28
N SER A 140 4.98 -13.90 15.72
N SER A 140 4.98 -13.87 15.70
CA SER A 140 6.29 -13.45 15.27
CA SER A 140 6.30 -13.40 15.28
C SER A 140 6.17 -12.51 14.07
C SER A 140 6.21 -12.55 14.02
N VAL A 141 5.27 -12.81 13.14
CA VAL A 141 5.07 -11.93 11.99
C VAL A 141 4.56 -10.57 12.46
N ASN A 142 3.57 -10.57 13.34
CA ASN A 142 3.05 -9.31 13.88
C ASN A 142 4.14 -8.52 14.58
N SER A 143 4.98 -9.20 15.35
CA SER A 143 6.05 -8.53 16.08
C SER A 143 7.03 -7.86 15.14
N ALA A 144 7.43 -8.56 14.07
CA ALA A 144 8.31 -7.95 13.09
C ALA A 144 7.68 -6.74 12.43
N ALA A 145 6.38 -6.80 12.12
CA ALA A 145 5.72 -5.64 11.56
C ALA A 145 5.68 -4.49 12.54
N ALA A 146 5.49 -4.78 13.82
CA ALA A 146 5.45 -3.73 14.83
C ALA A 146 6.83 -3.10 15.02
N ARG A 147 7.89 -3.91 14.97
CA ARG A 147 9.24 -3.38 15.09
C ARG A 147 9.61 -2.55 13.87
N LEU A 148 9.11 -2.96 12.71
CA LEU A 148 9.37 -2.16 11.51
C LEU A 148 8.72 -0.80 11.64
N GLN A 149 7.48 -0.75 12.11
CA GLN A 149 6.82 0.52 12.39
C GLN A 149 7.63 1.33 13.40
N SER A 150 8.05 0.69 14.49
N SER A 150 8.05 0.70 14.50
CA SER A 150 8.77 1.41 15.54
CA SER A 150 8.77 1.43 15.54
C SER A 150 10.15 1.90 15.10
C SER A 150 10.15 1.90 15.10
N SER A 151 10.71 1.34 14.02
CA SER A 151 11.98 1.81 13.49
C SER A 151 11.85 3.09 12.67
N GLY A 152 10.63 3.63 12.53
CA GLY A 152 10.41 4.85 11.80
C GLY A 152 9.80 4.69 10.43
N VAL A 153 9.07 3.61 10.17
CA VAL A 153 8.52 3.33 8.84
C VAL A 153 7.01 3.26 8.99
N MET A 154 6.30 3.95 8.09
CA MET A 154 4.85 3.86 8.05
C MET A 154 4.50 2.54 7.37
N VAL A 155 3.96 1.59 8.11
CA VAL A 155 3.73 0.24 7.62
C VAL A 155 2.27 0.11 7.28
N ALA A 156 1.98 -0.18 6.03
CA ALA A 156 0.62 -0.42 5.56
C ALA A 156 0.53 -1.86 5.11
N VAL A 157 -0.53 -2.55 5.54
CA VAL A 157 -0.69 -3.99 5.29
C VAL A 157 -2.10 -4.29 4.81
N ALA A 158 -2.19 -5.28 3.95
CA ALA A 158 -3.48 -5.70 3.43
C ALA A 158 -4.29 -6.42 4.50
N ALA A 159 -5.60 -6.14 4.54
CA ALA A 159 -6.47 -6.81 5.50
C ALA A 159 -6.62 -8.29 5.20
N GLY A 160 -6.50 -8.68 3.94
CA GLY A 160 -6.74 -10.05 3.50
C GLY A 160 -8.06 -10.18 2.75
N ASN A 161 -8.18 -11.27 2.01
CA ASN A 161 -9.24 -11.47 1.02
C ASN A 161 -10.16 -12.65 1.32
N ASN A 162 -10.48 -12.88 2.61
N ASN A 162 -10.50 -12.85 2.59
CA ASN A 162 -11.32 -14.01 3.01
CA ASN A 162 -11.32 -14.00 2.97
C ASN A 162 -12.77 -13.63 3.30
C ASN A 162 -12.73 -13.61 3.42
N ASN A 163 -13.16 -12.37 3.15
CA ASN A 163 -14.46 -11.90 3.61
C ASN A 163 -14.71 -12.33 5.05
N ALA A 164 -13.71 -12.07 5.91
CA ALA A 164 -13.71 -12.55 7.29
C ALA A 164 -13.03 -11.52 8.18
N ASP A 165 -12.98 -11.79 9.49
CA ASP A 165 -12.35 -10.85 10.40
C ASP A 165 -10.82 -10.91 10.28
N ALA A 166 -10.21 -9.75 10.03
CA ALA A 166 -8.77 -9.65 9.81
C ALA A 166 -7.95 -10.01 11.04
N ARG A 167 -8.56 -10.12 12.22
CA ARG A 167 -7.81 -10.44 13.42
C ARG A 167 -7.19 -11.82 13.37
N ASN A 168 -7.62 -12.67 12.42
CA ASN A 168 -7.11 -14.02 12.31
C ASN A 168 -5.97 -14.15 11.31
N TYR A 169 -5.46 -13.05 10.80
CA TYR A 169 -4.44 -13.06 9.76
C TYR A 169 -3.31 -12.13 10.18
N SER A 170 -2.13 -12.40 9.60
CA SER A 170 -0.93 -11.62 9.88
C SER A 170 -0.24 -11.23 8.58
N PRO A 171 0.34 -10.00 8.47
CA PRO A 171 0.40 -9.02 9.56
C PRO A 171 -0.82 -8.14 9.76
N ALA A 172 -1.94 -8.49 9.14
CA ALA A 172 -3.12 -7.64 9.24
C ALA A 172 -3.54 -7.42 10.69
N SER A 173 -3.33 -8.41 11.56
CA SER A 173 -3.87 -8.31 12.91
C SER A 173 -2.98 -7.54 13.87
N GLU A 174 -1.85 -7.03 13.41
CA GLU A 174 -0.98 -6.26 14.28
C GLU A 174 -1.57 -4.87 14.46
N PRO A 175 -1.98 -4.49 15.67
CA PRO A 175 -2.70 -3.23 15.81
C PRO A 175 -1.84 -2.02 15.50
N SER A 176 -0.52 -2.07 15.71
CA SER A 176 0.26 -0.84 15.60
C SER A 176 0.58 -0.43 14.17
N VAL A 177 0.17 -1.22 13.17
CA VAL A 177 0.42 -0.88 11.78
C VAL A 177 -0.89 -0.38 11.19
N CYS A 178 -0.91 -0.08 9.90
CA CYS A 178 -2.11 0.44 9.24
C CYS A 178 -2.69 -0.69 8.39
N THR A 179 -3.86 -1.20 8.80
CA THR A 179 -4.49 -2.37 8.16
C THR A 179 -5.57 -1.89 7.22
N VAL A 180 -5.47 -2.27 5.94
CA VAL A 180 -6.21 -1.63 4.84
C VAL A 180 -7.20 -2.61 4.24
N GLY A 181 -8.49 -2.25 4.25
CA GLY A 181 -9.53 -2.98 3.56
C GLY A 181 -9.75 -2.41 2.14
N ALA A 182 -10.52 -3.14 1.33
CA ALA A 182 -10.72 -2.80 -0.08
C ALA A 182 -12.16 -2.42 -0.40
N SER A 183 -12.33 -1.48 -1.33
N SER A 183 -12.33 -1.45 -1.31
CA SER A 183 -13.65 -1.05 -1.77
CA SER A 183 -13.65 -1.02 -1.76
C SER A 183 -13.75 -1.10 -3.30
C SER A 183 -13.76 -1.08 -3.28
N ASP A 184 -15.00 -1.08 -3.78
CA ASP A 184 -15.28 -1.04 -5.20
C ASP A 184 -15.73 0.38 -5.62
N ARG A 185 -15.92 0.53 -6.92
CA ARG A 185 -16.18 1.84 -7.51
C ARG A 185 -17.51 2.42 -7.07
N TYR A 186 -18.39 1.63 -6.46
CA TYR A 186 -19.66 2.12 -5.96
C TYR A 186 -19.63 2.33 -4.46
N ASP A 187 -18.43 2.40 -3.87
CA ASP A 187 -18.28 2.66 -2.44
C ASP A 187 -18.85 1.54 -1.58
N ARG A 188 -18.74 0.32 -2.06
CA ARG A 188 -19.09 -0.85 -1.28
C ARG A 188 -17.79 -1.56 -0.89
N ARG A 189 -17.67 -2.02 0.35
CA ARG A 189 -16.56 -2.90 0.70
C ARG A 189 -16.56 -4.06 -0.30
N SER A 190 -15.38 -4.35 -0.82
CA SER A 190 -15.21 -5.35 -1.86
C SER A 190 -15.66 -6.71 -1.34
N SER A 191 -16.21 -7.52 -2.24
CA SER A 191 -16.83 -8.77 -1.84
C SER A 191 -15.90 -9.65 -1.02
N PHE A 192 -14.62 -9.65 -1.36
CA PHE A 192 -13.60 -10.48 -0.74
C PHE A 192 -12.92 -9.82 0.45
N SER A 193 -13.13 -8.53 0.69
CA SER A 193 -12.31 -7.84 1.68
C SER A 193 -12.60 -8.31 3.11
N ASN A 194 -11.55 -8.55 3.88
CA ASN A 194 -11.71 -8.76 5.30
C ASN A 194 -12.19 -7.48 5.96
N TYR A 195 -12.64 -7.63 7.21
CA TYR A 195 -13.25 -6.54 7.97
C TYR A 195 -12.83 -6.72 9.41
N GLY A 196 -13.38 -5.92 10.30
CA GLY A 196 -13.15 -6.10 11.71
C GLY A 196 -12.61 -4.85 12.38
N SER A 197 -12.63 -4.91 13.72
CA SER A 197 -12.17 -3.78 14.53
C SER A 197 -10.72 -3.41 14.25
N VAL A 198 -9.89 -4.33 13.75
CA VAL A 198 -8.46 -4.03 13.56
C VAL A 198 -8.20 -3.24 12.28
N LEU A 199 -9.15 -3.19 11.35
CA LEU A 199 -8.99 -2.34 10.17
C LEU A 199 -8.88 -0.86 10.56
N ASP A 200 -7.94 -0.16 9.95
CA ASP A 200 -7.79 1.27 10.16
C ASP A 200 -8.46 2.11 9.07
N ILE A 201 -8.54 1.59 7.84
CA ILE A 201 -8.93 2.42 6.71
C ILE A 201 -9.29 1.49 5.57
N PHE A 202 -10.09 1.99 4.64
CA PHE A 202 -10.38 1.36 3.35
C PHE A 202 -9.86 2.21 2.21
N GLY A 203 -9.47 1.53 1.11
CA GLY A 203 -9.15 2.20 -0.12
C GLY A 203 -9.56 1.35 -1.31
N PRO A 204 -9.50 1.94 -2.51
CA PRO A 204 -9.91 1.20 -3.74
C PRO A 204 -9.14 -0.10 -3.93
N GLY A 205 -9.90 -1.18 -4.13
CA GLY A 205 -9.28 -2.46 -4.35
C GLY A 205 -9.90 -3.40 -5.37
N THR A 206 -11.02 -3.02 -5.97
CA THR A 206 -11.68 -3.85 -6.96
C THR A 206 -11.46 -3.23 -8.32
N SER A 207 -10.90 -4.01 -9.23
CA SER A 207 -10.66 -3.58 -10.62
C SER A 207 -9.71 -2.38 -10.68
N ILE A 208 -8.47 -2.60 -10.22
CA ILE A 208 -7.46 -1.56 -10.12
C ILE A 208 -6.46 -1.73 -11.27
N LEU A 209 -6.44 -0.73 -12.17
CA LEU A 209 -5.49 -0.70 -13.27
C LEU A 209 -4.15 -0.19 -12.78
N SER A 210 -3.10 -0.96 -13.08
CA SER A 210 -1.75 -0.53 -12.77
C SER A 210 -0.74 -1.20 -13.71
N THR A 211 0.53 -0.91 -13.45
CA THR A 211 1.62 -1.52 -14.20
C THR A 211 1.64 -3.04 -14.05
N TRP A 212 2.17 -3.69 -15.08
CA TRP A 212 2.40 -5.13 -15.08
C TRP A 212 3.76 -5.37 -15.73
N ILE A 213 4.31 -6.57 -15.50
CA ILE A 213 5.62 -6.88 -16.06
C ILE A 213 5.56 -6.90 -17.60
N GLY A 214 6.73 -6.72 -18.23
CA GLY A 214 6.79 -6.58 -19.66
C GLY A 214 6.47 -5.18 -20.15
N GLY A 215 6.60 -4.18 -19.29
CA GLY A 215 6.29 -2.83 -19.72
C GLY A 215 4.83 -2.63 -20.04
N SER A 216 3.95 -3.39 -19.39
CA SER A 216 2.54 -3.47 -19.74
C SER A 216 1.66 -2.98 -18.57
N THR A 217 0.37 -3.28 -18.64
CA THR A 217 -0.59 -2.88 -17.62
C THR A 217 -1.57 -4.03 -17.42
N ARG A 218 -2.28 -3.98 -16.29
CA ARG A 218 -3.27 -5.01 -15.97
C ARG A 218 -4.18 -4.47 -14.88
N SER A 219 -5.43 -4.93 -14.93
CA SER A 219 -6.42 -4.62 -13.91
C SER A 219 -6.68 -5.87 -13.07
N ILE A 220 -6.43 -5.77 -11.76
CA ILE A 220 -6.67 -6.88 -10.83
C ILE A 220 -7.26 -6.31 -9.56
N SER A 221 -7.72 -7.22 -8.69
CA SER A 221 -8.47 -6.89 -7.50
C SER A 221 -7.90 -7.56 -6.26
N GLY A 222 -8.08 -6.91 -5.13
CA GLY A 222 -7.70 -7.49 -3.87
C GLY A 222 -7.36 -6.43 -2.86
N THR A 223 -7.27 -6.85 -1.58
CA THR A 223 -6.73 -5.91 -0.60
C THR A 223 -5.28 -5.58 -0.86
N SER A 224 -4.56 -6.44 -1.60
CA SER A 224 -3.23 -6.10 -2.05
C SER A 224 -3.22 -4.86 -2.94
N MET A 225 -4.34 -4.53 -3.59
CA MET A 225 -4.44 -3.32 -4.42
C MET A 225 -4.86 -2.11 -3.61
N ALA A 226 -5.56 -2.32 -2.50
CA ALA A 226 -5.96 -1.21 -1.64
C ALA A 226 -4.77 -0.69 -0.85
N THR A 227 -3.96 -1.60 -0.32
CA THR A 227 -2.78 -1.24 0.47
C THR A 227 -1.88 -0.23 -0.19
N PRO A 228 -1.42 -0.42 -1.43
CA PRO A 228 -0.55 0.60 -2.04
C PRO A 228 -1.22 1.96 -2.24
N HIS A 229 -2.57 2.04 -2.31
CA HIS A 229 -3.21 3.36 -2.31
C HIS A 229 -2.90 4.11 -1.01
N VAL A 230 -2.97 3.42 0.12
CA VAL A 230 -2.69 4.00 1.42
C VAL A 230 -1.21 4.27 1.59
N ALA A 231 -0.35 3.36 1.12
CA ALA A 231 1.08 3.60 1.22
C ALA A 231 1.46 4.83 0.42
N GLY A 232 0.93 4.95 -0.80
CA GLY A 232 1.20 6.13 -1.61
C GLY A 232 0.63 7.40 -1.01
N LEU A 233 -0.54 7.31 -0.40
CA LEU A 233 -1.12 8.49 0.24
C LEU A 233 -0.26 8.93 1.42
N ALA A 234 0.20 7.98 2.22
CA ALA A 234 1.11 8.32 3.30
C ALA A 234 2.37 9.00 2.80
N ALA A 235 3.03 8.43 1.79
CA ALA A 235 4.19 9.10 1.18
C ALA A 235 3.86 10.53 0.76
N TYR A 236 2.70 10.72 0.13
CA TYR A 236 2.29 12.04 -0.33
C TYR A 236 2.10 13.00 0.83
N LEU A 237 1.43 12.57 1.90
CA LEU A 237 1.21 13.41 3.06
C LEU A 237 2.51 13.68 3.82
N MET A 238 3.43 12.72 3.85
CA MET A 238 4.72 12.94 4.51
C MET A 238 5.57 13.96 3.75
N THR A 239 5.49 13.95 2.41
CA THR A 239 6.21 14.97 1.63
C THR A 239 5.64 16.35 1.88
N LEU A 240 4.30 16.48 1.98
CA LEU A 240 3.68 17.73 2.36
C LEU A 240 3.94 18.11 3.81
N GLY A 241 4.44 17.19 4.61
CA GLY A 241 4.73 17.46 6.01
C GLY A 241 3.55 17.41 6.95
N LYS A 242 2.38 16.96 6.51
CA LYS A 242 1.18 16.97 7.34
C LYS A 242 1.16 15.87 8.39
N THR A 243 2.03 14.88 8.26
CA THR A 243 2.13 13.80 9.23
C THR A 243 3.52 13.18 9.08
N THR A 244 3.84 12.27 9.99
CA THR A 244 5.09 11.51 9.95
C THR A 244 4.74 10.04 10.08
N ALA A 245 5.74 9.17 10.01
CA ALA A 245 5.47 7.73 10.00
C ALA A 245 4.70 7.28 11.23
N ALA A 246 5.04 7.81 12.40
CA ALA A 246 4.40 7.36 13.63
C ALA A 246 2.89 7.65 13.64
N SER A 247 2.47 8.82 13.16
CA SER A 247 1.08 9.24 13.28
C SER A 247 0.31 9.14 11.96
N ALA A 248 0.94 8.62 10.91
CA ALA A 248 0.35 8.72 9.58
C ALA A 248 -0.96 7.96 9.48
N CYS A 249 -1.02 6.76 10.04
CA CYS A 249 -2.26 6.00 9.96
C CYS A 249 -3.40 6.74 10.65
N ARG A 250 -3.18 7.22 11.86
CA ARG A 250 -4.19 7.97 12.59
C ARG A 250 -4.59 9.24 11.83
N TYR A 251 -3.61 9.95 11.26
CA TYR A 251 -3.94 11.15 10.50
C TYR A 251 -4.80 10.82 9.28
N ILE A 252 -4.43 9.76 8.53
CA ILE A 252 -5.24 9.35 7.39
C ILE A 252 -6.65 9.00 7.84
N ALA A 253 -6.80 8.24 8.94
CA ALA A 253 -8.12 7.89 9.46
C ALA A 253 -8.93 9.12 9.83
N ASP A 254 -8.29 10.11 10.48
CA ASP A 254 -8.99 11.29 10.94
C ASP A 254 -9.38 12.22 9.80
N THR A 255 -8.68 12.15 8.66
CA THR A 255 -8.96 13.02 7.52
C THR A 255 -9.66 12.26 6.40
N ALA A 256 -10.04 11.01 6.64
CA ALA A 256 -10.74 10.21 5.64
C ALA A 256 -12.18 10.68 5.41
N ASN A 257 -12.73 10.33 4.25
CA ASN A 257 -14.18 10.40 4.06
C ASN A 257 -14.88 9.40 4.97
N LYS A 258 -15.78 9.89 5.81
CA LYS A 258 -16.42 9.07 6.84
C LYS A 258 -17.88 8.79 6.50
N GLY A 259 -18.27 7.52 6.62
CA GLY A 259 -19.65 7.11 6.47
C GLY A 259 -20.10 6.81 5.05
N ASP A 260 -19.21 6.86 4.07
CA ASP A 260 -19.60 6.77 2.67
C ASP A 260 -19.81 5.33 2.20
N LEU A 261 -19.32 4.35 2.94
CA LEU A 261 -19.22 2.98 2.43
C LEU A 261 -20.43 2.16 2.85
N SER A 262 -20.83 1.25 1.97
CA SER A 262 -21.79 0.22 2.32
C SER A 262 -21.10 -1.14 2.45
N ASN A 263 -21.85 -2.16 2.86
CA ASN A 263 -21.31 -3.49 3.11
C ASN A 263 -20.22 -3.44 4.18
N ILE A 264 -20.41 -2.60 5.18
CA ILE A 264 -19.47 -2.41 6.29
C ILE A 264 -20.11 -3.00 7.52
N PRO A 265 -19.62 -4.12 8.05
CA PRO A 265 -20.25 -4.71 9.24
C PRO A 265 -20.10 -3.78 10.43
N PHE A 266 -21.18 -3.69 11.20
CA PHE A 266 -21.17 -2.89 12.40
C PHE A 266 -19.95 -3.23 13.23
N GLY A 267 -19.25 -2.19 13.66
CA GLY A 267 -18.03 -2.37 14.42
C GLY A 267 -16.76 -2.20 13.61
N THR A 268 -16.84 -2.19 12.28
CA THR A 268 -15.71 -1.91 11.40
C THR A 268 -15.75 -0.44 10.99
N VAL A 269 -14.58 0.19 10.90
CA VAL A 269 -14.54 1.59 10.52
C VAL A 269 -15.19 1.81 9.15
N ASN A 270 -15.81 2.96 9.00
CA ASN A 270 -16.35 3.39 7.72
C ASN A 270 -15.56 4.63 7.32
N LEU A 271 -14.32 4.38 6.89
CA LEU A 271 -13.37 5.44 6.55
C LEU A 271 -12.70 5.08 5.25
N LEU A 272 -12.73 6.01 4.29
CA LEU A 272 -12.17 5.83 2.97
C LEU A 272 -11.05 6.86 2.76
N ALA A 273 -9.88 6.37 2.40
CA ALA A 273 -8.70 7.20 2.26
C ALA A 273 -8.98 8.39 1.34
N TYR A 274 -8.45 9.56 1.73
CA TYR A 274 -8.81 10.82 1.08
C TYR A 274 -7.67 11.81 1.28
N ASN A 275 -7.26 12.46 0.19
CA ASN A 275 -6.12 13.37 0.24
C ASN A 275 -6.46 14.81 0.59
N ASN A 276 -7.73 15.15 0.81
CA ASN A 276 -8.15 16.51 1.19
C ASN A 276 -7.58 17.61 0.29
N TYR A 277 -7.39 17.33 -0.99
CA TYR A 277 -7.00 18.34 -1.95
C TYR A 277 -8.23 19.12 -2.48
N GLN A 278 -8.11 20.45 -2.52
CA GLN A 278 -9.15 21.40 -3.04
C GLN A 278 -10.28 21.63 -2.05
#